data_5O16
#
_entry.id   5O16
#
_cell.length_a   114.548
_cell.length_b   114.548
_cell.length_c   132.048
_cell.angle_alpha   90.00
_cell.angle_beta   90.00
_cell.angle_gamma   90.00
#
_symmetry.space_group_name_H-M   'P 41 21 2'
#
loop_
_entity.id
_entity.type
_entity.pdbx_description
1 polymer AmbC
2 non-polymer 'SULFATE ION'
3 water water
#
_entity_poly.entity_id   1
_entity_poly.type   'polypeptide(L)'
_entity_poly.pdbx_seq_one_letter_code
;EAPRGRAGLESGGLLAVKHPWLSAAVRLADRDGYVLSGRLSTVEHAWVLDHVVLGTVILPGTAFVELALAAADAVGLPSV
SELTIEAPLALPARGAVTLQVTVEALDATGRRGFAVHSRPDGAHDAPWTAHARGVLGAAPAAATTAWAAGAWPPAGAEPV
DVTRWVEALDAWVGPAFRGVTAAWRVGRSIYADLALPEGVSERAQDFGLHPALLDAALQALLRAELGAGSSPREGIPMPF
AWSDVALEARGAAALRARVEVEDASDGDQLAASIELADAQGQPVARAGTFRARWATAEHVRKAAAGASERD
;
_entity_poly.pdbx_strand_id   A,B
#
loop_
_chem_comp.id
_chem_comp.type
_chem_comp.name
_chem_comp.formula
SO4 non-polymer 'SULFATE ION' 'O4 S -2'
#
# COMPACT_ATOMS: atom_id res chain seq x y z
N GLY A 12 -10.88 -5.62 3.06
CA GLY A 12 -10.30 -4.53 3.83
C GLY A 12 -8.80 -4.60 4.01
N GLY A 13 -8.35 -4.51 5.26
CA GLY A 13 -6.93 -4.60 5.56
C GLY A 13 -6.13 -3.36 5.27
N LEU A 14 -6.80 -2.26 4.96
CA LEU A 14 -6.17 -0.99 4.59
C LEU A 14 -6.58 0.07 5.62
N LEU A 15 -5.64 0.90 6.03
CA LEU A 15 -5.95 2.04 6.88
C LEU A 15 -6.46 3.19 6.00
N ALA A 16 -7.58 3.79 6.41
CA ALA A 16 -8.20 4.87 5.65
C ALA A 16 -7.64 6.23 6.11
N VAL A 17 -7.21 7.04 5.15
CA VAL A 17 -6.70 8.37 5.40
C VAL A 17 -7.67 9.36 4.77
N LYS A 18 -7.99 10.45 5.48
CA LYS A 18 -8.97 11.44 5.01
C LYS A 18 -8.22 12.58 4.32
N HIS A 19 -7.96 12.44 3.03
CA HIS A 19 -7.17 13.47 2.39
C HIS A 19 -7.48 13.50 0.91
N PRO A 20 -7.44 14.67 0.28
CA PRO A 20 -7.67 14.73 -1.17
C PRO A 20 -6.65 13.95 -1.97
N TRP A 21 -5.42 13.90 -1.50
CA TRP A 21 -4.33 13.30 -2.28
C TRP A 21 -3.82 11.99 -1.71
N LEU A 22 -4.26 11.59 -0.53
CA LEU A 22 -3.91 10.26 -0.03
C LEU A 22 -5.18 9.55 0.38
N SER A 23 -5.27 8.28 0.02
CA SER A 23 -6.49 7.51 0.24
C SER A 23 -6.27 6.21 0.98
N ALA A 24 -5.06 5.68 1.01
CA ALA A 24 -4.82 4.37 1.59
C ALA A 24 -3.48 4.37 2.31
N ALA A 25 -3.40 3.58 3.37
CA ALA A 25 -2.15 3.35 4.08
C ALA A 25 -2.08 1.90 4.53
N VAL A 26 -0.91 1.27 4.41
CA VAL A 26 -0.71 -0.05 4.96
C VAL A 26 0.47 0.01 5.89
N ARG A 27 0.42 -0.78 6.96
CA ARG A 27 1.58 -1.04 7.79
C ARG A 27 2.28 -2.29 7.29
N LEU A 28 3.58 -2.18 7.08
CA LEU A 28 4.32 -3.31 6.54
C LEU A 28 4.50 -4.40 7.59
N ALA A 29 4.33 -5.65 7.14
CA ALA A 29 4.64 -6.78 8.01
C ALA A 29 6.12 -7.12 7.98
N ASP A 30 6.80 -6.79 6.88
CA ASP A 30 8.21 -7.08 6.74
C ASP A 30 9.07 -6.26 7.69
N ARG A 31 8.72 -4.99 7.88
CA ARG A 31 9.56 -3.94 8.43
C ARG A 31 8.72 -3.06 9.34
N ASP A 32 9.38 -2.31 10.23
CA ASP A 32 8.70 -1.18 10.86
C ASP A 32 8.56 -0.07 9.83
N GLY A 33 7.40 0.03 9.20
CA GLY A 33 7.22 1.06 8.19
C GLY A 33 5.78 1.11 7.72
N TYR A 34 5.49 2.15 6.97
CA TYR A 34 4.18 2.35 6.37
C TYR A 34 4.34 2.80 4.93
N VAL A 35 3.37 2.45 4.09
CA VAL A 35 3.28 2.91 2.71
C VAL A 35 1.94 3.60 2.52
N LEU A 36 1.97 4.90 2.21
CA LEU A 36 0.77 5.66 1.89
C LEU A 36 0.64 5.84 0.38
N SER A 37 -0.59 5.80 -0.11
CA SER A 37 -0.85 5.88 -1.54
C SER A 37 -1.94 6.89 -1.81
N GLY A 38 -1.81 7.57 -2.95
CA GLY A 38 -2.87 8.48 -3.34
C GLY A 38 -2.79 8.87 -4.80
N ARG A 39 -3.68 9.78 -5.18
CA ARG A 39 -3.79 10.28 -6.53
C ARG A 39 -4.00 11.78 -6.46
N LEU A 40 -3.30 12.51 -7.32
CA LEU A 40 -3.44 13.95 -7.43
C LEU A 40 -3.98 14.20 -8.83
N SER A 41 -5.27 14.48 -8.96
CA SER A 41 -5.90 14.70 -10.26
C SER A 41 -5.97 16.21 -10.52
N THR A 42 -5.39 16.64 -11.63
CA THR A 42 -5.52 18.00 -12.10
C THR A 42 -6.96 18.39 -12.39
N VAL A 43 -7.84 17.44 -12.70
CA VAL A 43 -9.20 17.82 -13.02
C VAL A 43 -9.94 18.22 -11.76
N GLU A 44 -9.60 17.65 -10.61
CA GLU A 44 -10.34 18.04 -9.42
C GLU A 44 -9.70 19.19 -8.67
N HIS A 45 -8.38 19.28 -8.66
CA HIS A 45 -7.72 20.43 -8.09
C HIS A 45 -7.12 21.28 -9.20
N ALA A 46 -8.01 21.98 -9.89
CA ALA A 46 -7.60 22.81 -11.00
C ALA A 46 -6.69 23.94 -10.54
N TRP A 47 -6.86 24.40 -9.30
CA TRP A 47 -6.05 25.48 -8.79
C TRP A 47 -4.57 25.18 -8.87
N VAL A 48 -4.20 23.89 -8.87
CA VAL A 48 -2.77 23.53 -8.91
C VAL A 48 -2.14 24.01 -10.22
N LEU A 49 -2.94 24.09 -11.28
CA LEU A 49 -2.43 24.58 -12.57
C LEU A 49 -2.00 26.03 -12.53
N ASP A 50 -2.42 26.79 -11.53
CA ASP A 50 -2.00 28.18 -11.47
C ASP A 50 -0.52 28.31 -11.07
N HIS A 51 0.07 27.26 -10.48
CA HIS A 51 1.47 27.30 -10.08
C HIS A 51 2.34 26.90 -11.26
N VAL A 52 2.74 27.89 -12.06
CA VAL A 52 3.54 27.66 -13.25
C VAL A 52 4.92 28.27 -13.04
N VAL A 53 5.96 27.48 -13.29
CA VAL A 53 7.33 27.90 -13.14
C VAL A 53 8.00 27.79 -14.50
N LEU A 54 8.32 28.94 -15.09
CA LEU A 54 8.99 29.01 -16.38
C LEU A 54 8.34 28.08 -17.41
N GLY A 55 7.04 28.24 -17.57
CA GLY A 55 6.29 27.57 -18.61
C GLY A 55 5.70 26.23 -18.23
N THR A 56 6.21 25.59 -17.19
CA THR A 56 5.77 24.26 -16.79
C THR A 56 4.99 24.35 -15.48
N VAL A 57 3.82 23.71 -15.45
CA VAL A 57 3.08 23.55 -14.20
C VAL A 57 3.89 22.66 -13.27
N ILE A 58 4.35 23.22 -12.17
CA ILE A 58 5.12 22.50 -11.18
C ILE A 58 4.24 22.40 -9.94
N LEU A 59 4.17 21.22 -9.36
CA LEU A 59 3.56 21.09 -8.04
C LEU A 59 4.36 21.92 -7.03
N PRO A 60 3.73 22.82 -6.29
CA PRO A 60 4.50 23.69 -5.39
C PRO A 60 5.05 22.92 -4.20
N GLY A 61 6.19 23.41 -3.70
CA GLY A 61 6.86 22.77 -2.59
C GLY A 61 6.01 22.72 -1.33
N THR A 62 5.16 23.73 -1.11
CA THR A 62 4.26 23.64 0.02
C THR A 62 3.31 22.45 -0.08
N ALA A 63 3.06 21.92 -1.28
CA ALA A 63 2.22 20.73 -1.40
C ALA A 63 2.91 19.50 -0.82
N PHE A 64 4.24 19.40 -0.96
CA PHE A 64 4.95 18.32 -0.31
C PHE A 64 4.90 18.47 1.20
N VAL A 65 4.92 19.72 1.69
CA VAL A 65 4.74 19.97 3.11
C VAL A 65 3.39 19.44 3.57
N GLU A 66 2.34 19.72 2.81
CA GLU A 66 1.02 19.21 3.18
C GLU A 66 0.97 17.68 3.11
N LEU A 67 1.54 17.09 2.05
CA LEU A 67 1.59 15.63 1.97
C LEU A 67 2.30 15.05 3.18
N ALA A 68 3.44 15.61 3.55
CA ALA A 68 4.15 15.11 4.72
C ALA A 68 3.29 15.27 5.97
N LEU A 69 2.68 16.45 6.14
CA LEU A 69 1.81 16.66 7.30
C LEU A 69 0.69 15.64 7.36
N ALA A 70 0.12 15.29 6.20
CA ALA A 70 -0.95 14.30 6.19
C ALA A 70 -0.43 12.91 6.53
N ALA A 71 0.70 12.50 5.96
CA ALA A 71 1.29 11.22 6.35
C ALA A 71 1.64 11.21 7.83
N ALA A 72 2.13 12.33 8.34
CA ALA A 72 2.50 12.42 9.75
C ALA A 72 1.34 12.06 10.66
N ASP A 73 0.18 12.69 10.43
CA ASP A 73 -0.98 12.40 11.27
C ASP A 73 -1.44 10.97 11.06
N ALA A 74 -1.26 10.43 9.85
CA ALA A 74 -1.77 9.09 9.56
C ALA A 74 -1.03 8.03 10.37
N VAL A 75 0.30 8.13 10.47
CA VAL A 75 1.09 7.14 11.19
C VAL A 75 1.18 7.47 12.67
N GLY A 76 0.46 8.52 13.11
CA GLY A 76 0.38 8.89 14.51
C GLY A 76 1.47 9.81 15.01
N LEU A 77 2.38 10.26 14.13
CA LEU A 77 3.40 11.21 14.50
C LEU A 77 3.02 12.57 13.93
N PRO A 78 2.43 13.46 14.69
CA PRO A 78 2.08 14.75 14.11
C PRO A 78 3.34 15.61 14.02
N SER A 79 3.38 16.42 12.96
CA SER A 79 4.47 17.34 12.58
C SER A 79 5.59 16.73 11.74
N VAL A 80 6.21 17.59 10.94
CA VAL A 80 7.40 17.28 10.14
C VAL A 80 8.62 17.90 10.79
N SER A 81 9.61 17.06 11.14
CA SER A 81 10.84 17.58 11.70
C SER A 81 11.71 18.23 10.61
N GLU A 82 11.84 17.55 9.46
CA GLU A 82 12.65 18.05 8.35
C GLU A 82 12.05 17.57 7.03
N LEU A 83 12.27 18.36 5.98
CA LEU A 83 11.73 18.06 4.65
C LEU A 83 12.60 18.75 3.62
N THR A 84 13.15 17.99 2.67
CA THR A 84 13.93 18.58 1.58
C THR A 84 13.37 18.14 0.24
N ILE A 85 13.16 19.09 -0.65
CA ILE A 85 12.69 18.78 -1.98
C ILE A 85 13.91 18.68 -2.89
N GLU A 86 14.11 17.49 -3.47
CA GLU A 86 15.24 17.28 -4.35
C GLU A 86 14.85 17.23 -5.82
N ALA A 87 13.56 17.21 -6.12
CA ALA A 87 13.12 17.14 -7.51
C ALA A 87 11.71 17.65 -7.69
N PRO A 88 11.49 18.64 -8.57
CA PRO A 88 10.14 19.13 -8.82
C PRO A 88 9.28 18.08 -9.50
N LEU A 89 7.99 18.15 -9.24
CA LEU A 89 7.05 17.21 -9.83
C LEU A 89 6.19 17.99 -10.83
N ALA A 90 6.40 17.71 -12.11
CA ALA A 90 5.67 18.42 -13.15
C ALA A 90 4.32 17.76 -13.31
N LEU A 91 3.30 18.59 -13.51
CA LEU A 91 1.96 18.04 -13.57
C LEU A 91 1.37 18.19 -14.95
N PRO A 92 0.61 17.22 -15.42
CA PRO A 92 -0.02 17.41 -16.72
C PRO A 92 -1.32 18.16 -16.54
N ALA A 93 -1.50 19.19 -17.37
CA ALA A 93 -2.84 19.76 -17.48
C ALA A 93 -3.71 18.59 -17.90
N ARG A 94 -4.95 18.52 -17.42
CA ARG A 94 -5.90 17.51 -17.85
C ARG A 94 -5.46 16.07 -17.50
N GLY A 95 -5.06 15.81 -16.26
CA GLY A 95 -4.62 14.45 -16.00
C GLY A 95 -4.40 14.25 -14.52
N ALA A 96 -3.74 13.13 -14.19
CA ALA A 96 -3.45 12.84 -12.79
C ALA A 96 -2.06 12.24 -12.59
N VAL A 97 -1.59 12.32 -11.33
CA VAL A 97 -0.36 11.67 -10.90
C VAL A 97 -0.67 10.76 -9.71
N THR A 98 0.03 9.63 -9.64
CA THR A 98 -0.06 8.75 -8.49
C THR A 98 1.04 9.10 -7.50
N LEU A 99 0.69 9.13 -6.23
CA LEU A 99 1.62 9.49 -5.19
C LEU A 99 1.87 8.32 -4.27
N GLN A 100 3.04 8.33 -3.65
CA GLN A 100 3.30 7.33 -2.63
C GLN A 100 4.25 7.92 -1.60
N VAL A 101 3.90 7.72 -0.33
CA VAL A 101 4.73 8.13 0.79
C VAL A 101 5.23 6.87 1.48
N THR A 102 6.55 6.72 1.54
CA THR A 102 7.17 5.61 2.26
C THR A 102 7.64 6.16 3.60
N VAL A 103 7.19 5.53 4.69
CA VAL A 103 7.60 5.93 6.02
C VAL A 103 8.43 4.82 6.62
N GLU A 104 9.52 5.18 7.29
CA GLU A 104 10.50 4.22 7.74
C GLU A 104 10.40 4.04 9.26
N ALA A 105 11.44 3.42 9.83
CA ALA A 105 11.37 2.93 11.19
C ALA A 105 11.43 4.07 12.19
N LEU A 106 11.00 3.77 13.42
CA LEU A 106 11.10 4.72 14.51
C LEU A 106 12.52 4.68 15.07
N ASP A 107 13.11 5.86 15.30
CA ASP A 107 14.44 5.97 15.89
C ASP A 107 14.32 6.25 17.39
N ALA A 108 15.47 6.50 18.03
CA ALA A 108 15.48 6.85 19.46
C ALA A 108 14.92 8.26 19.72
N THR A 109 15.16 9.22 18.82
CA THR A 109 14.57 10.55 18.98
C THR A 109 13.04 10.49 18.95
N GLY A 110 12.45 9.45 18.37
CA GLY A 110 11.01 9.38 18.30
C GLY A 110 10.51 9.97 17.01
N ARG A 111 11.19 9.62 15.93
CA ARG A 111 10.94 10.18 14.62
C ARG A 111 11.08 9.08 13.59
N ARG A 112 10.47 9.30 12.41
CA ARG A 112 10.61 8.37 11.30
C ARG A 112 10.97 9.14 10.04
N GLY A 113 11.88 8.55 9.27
CA GLY A 113 12.18 9.11 7.97
C GLY A 113 11.06 8.84 6.99
N PHE A 114 11.08 9.57 5.88
CA PHE A 114 10.04 9.37 4.89
C PHE A 114 10.50 9.90 3.55
N ALA A 115 9.81 9.47 2.50
CA ALA A 115 10.06 9.91 1.14
C ALA A 115 8.74 10.05 0.40
N VAL A 116 8.70 10.99 -0.54
CA VAL A 116 7.49 11.22 -1.34
C VAL A 116 7.83 10.94 -2.78
N HIS A 117 7.07 10.03 -3.38
CA HIS A 117 7.28 9.65 -4.76
C HIS A 117 6.04 9.89 -5.60
N SER A 118 6.26 9.93 -6.90
CA SER A 118 5.19 10.14 -7.83
C SER A 118 5.44 9.28 -9.05
N ARG A 119 4.35 8.97 -9.75
CA ARG A 119 4.33 8.16 -10.93
C ARG A 119 3.20 8.66 -11.80
N PRO A 120 3.40 8.78 -13.11
CA PRO A 120 2.29 9.13 -14.01
C PRO A 120 1.15 8.15 -13.87
N ASP A 121 -0.07 8.68 -13.77
CA ASP A 121 -1.20 7.84 -13.44
C ASP A 121 -1.59 6.98 -14.64
N GLY A 122 -2.15 5.81 -14.35
CA GLY A 122 -2.50 4.83 -15.34
C GLY A 122 -1.33 4.03 -15.88
N ALA A 123 -0.10 4.51 -15.67
CA ALA A 123 1.10 3.81 -16.15
C ALA A 123 1.65 2.99 -14.99
N HIS A 124 1.06 1.79 -14.81
CA HIS A 124 1.57 0.84 -13.82
C HIS A 124 2.95 0.30 -14.18
N ASP A 125 3.31 0.33 -15.46
CA ASP A 125 4.66 0.00 -15.91
C ASP A 125 5.69 1.06 -15.54
N ALA A 126 5.29 2.33 -15.47
CA ALA A 126 6.22 3.43 -15.36
C ALA A 126 6.97 3.42 -14.03
N PRO A 127 8.18 3.96 -13.99
CA PRO A 127 8.94 3.96 -12.75
C PRO A 127 8.54 5.11 -11.84
N TRP A 128 8.80 4.89 -10.55
CA TRP A 128 8.55 5.94 -9.59
C TRP A 128 9.66 6.98 -9.59
N THR A 129 9.32 8.18 -9.14
CA THR A 129 10.25 9.29 -9.03
C THR A 129 10.22 9.84 -7.62
N ALA A 130 11.40 9.94 -7.02
CA ALA A 130 11.56 10.53 -5.71
C ALA A 130 11.61 12.04 -5.83
N HIS A 131 10.81 12.73 -5.00
CA HIS A 131 10.73 14.17 -5.00
C HIS A 131 11.19 14.83 -3.70
N ALA A 132 10.88 14.23 -2.56
CA ALA A 132 11.13 14.85 -1.25
C ALA A 132 11.51 13.78 -0.24
N ARG A 133 12.42 14.14 0.66
CA ARG A 133 12.74 13.26 1.78
C ARG A 133 12.82 14.11 3.02
N GLY A 134 12.59 13.48 4.17
CA GLY A 134 12.61 14.22 5.40
C GLY A 134 12.42 13.32 6.60
N VAL A 135 12.03 13.92 7.72
CA VAL A 135 11.85 13.21 8.97
C VAL A 135 10.52 13.66 9.59
N LEU A 136 9.62 12.70 9.82
CA LEU A 136 8.44 12.93 10.65
C LEU A 136 8.83 12.79 12.10
N GLY A 137 8.26 13.63 12.95
CA GLY A 137 8.55 13.45 14.36
C GLY A 137 7.95 14.56 15.18
N ALA A 138 8.25 14.47 16.48
CA ALA A 138 7.78 15.48 17.42
C ALA A 138 8.55 16.78 17.21
N ALA A 139 7.80 17.86 17.03
CA ALA A 139 8.28 19.21 16.81
C ALA A 139 7.53 20.14 17.74
N PRO A 140 8.05 21.34 17.98
CA PRO A 140 7.26 22.34 18.71
C PRO A 140 6.04 22.76 17.89
N ALA A 141 4.87 22.50 18.44
CA ALA A 141 3.60 22.89 17.84
C ALA A 141 3.22 24.22 18.49
N ALA A 142 3.42 25.32 17.77
CA ALA A 142 3.23 26.66 18.33
C ALA A 142 1.82 26.84 18.89
N ALA A 143 1.69 26.81 20.22
CA ALA A 143 0.41 27.01 20.86
C ALA A 143 0.12 28.48 21.14
N THR A 144 1.10 29.36 20.99
CA THR A 144 0.92 30.80 21.16
C THR A 144 1.37 31.55 19.92
N THR A 145 0.48 32.41 19.43
CA THR A 145 0.79 33.42 18.42
C THR A 145 0.45 34.78 19.03
N ALA A 146 1.30 35.21 19.98
CA ALA A 146 1.10 36.48 20.68
C ALA A 146 0.89 37.66 19.72
N TRP A 147 1.71 37.75 18.68
CA TRP A 147 1.67 38.89 17.75
C TRP A 147 0.33 39.06 17.06
N ALA A 148 -0.38 37.97 16.79
CA ALA A 148 -1.59 38.07 15.97
C ALA A 148 -2.76 38.67 16.75
N ALA A 149 -2.75 38.54 18.07
CA ALA A 149 -3.74 39.23 18.87
C ALA A 149 -3.28 40.67 19.10
N GLY A 150 -4.24 41.53 19.38
CA GLY A 150 -3.92 42.93 19.55
C GLY A 150 -4.05 43.70 18.24
N ALA A 151 -3.35 44.83 18.19
CA ALA A 151 -3.36 45.68 17.01
C ALA A 151 -2.83 44.95 15.78
N TRP A 152 -3.56 45.05 14.67
CA TRP A 152 -3.20 44.42 13.41
C TRP A 152 -3.26 45.45 12.30
N PRO A 153 -2.14 45.76 11.64
CA PRO A 153 -0.81 45.20 11.93
C PRO A 153 -0.21 45.78 13.21
N PRO A 154 0.83 45.13 13.71
CA PRO A 154 1.50 45.59 14.94
C PRO A 154 2.01 47.02 14.84
N ALA A 155 2.26 47.60 16.02
CA ALA A 155 2.76 48.97 16.08
C ALA A 155 4.06 49.09 15.29
N GLY A 156 4.20 50.23 14.59
CA GLY A 156 5.34 50.53 13.76
C GLY A 156 5.40 49.83 12.42
N ALA A 157 4.37 49.08 12.05
CA ALA A 157 4.39 48.36 10.78
C ALA A 157 4.41 49.29 9.58
N GLU A 158 5.35 49.02 8.66
CA GLU A 158 5.60 49.84 7.48
C GLU A 158 5.07 49.09 6.27
N PRO A 159 4.08 49.61 5.54
CA PRO A 159 3.43 48.77 4.52
C PRO A 159 4.39 48.40 3.41
N VAL A 160 4.20 47.20 2.89
CA VAL A 160 5.04 46.63 1.85
C VAL A 160 4.21 46.51 0.59
N ASP A 161 4.83 46.82 -0.55
CA ASP A 161 4.10 46.85 -1.81
C ASP A 161 3.99 45.43 -2.35
N VAL A 162 2.82 44.84 -2.16
CA VAL A 162 2.56 43.53 -2.74
C VAL A 162 2.10 43.68 -4.18
N THR A 163 1.38 44.78 -4.48
CA THR A 163 0.67 45.04 -5.73
C THR A 163 1.55 45.09 -6.96
N ARG A 164 2.87 45.10 -6.81
CA ARG A 164 3.68 45.25 -8.00
C ARG A 164 3.88 43.88 -8.66
N TRP A 165 4.30 43.91 -9.92
CA TRP A 165 4.55 42.71 -10.69
C TRP A 165 6.05 42.45 -10.67
N VAL A 166 6.45 41.38 -9.99
CA VAL A 166 7.84 40.94 -9.98
C VAL A 166 7.93 39.65 -10.80
N GLU A 167 8.86 39.60 -11.76
CA GLU A 167 8.94 38.46 -12.65
C GLU A 167 9.03 37.15 -11.85
N ALA A 168 9.75 37.19 -10.72
CA ALA A 168 10.02 35.97 -9.97
C ALA A 168 8.74 35.33 -9.47
N LEU A 169 7.74 36.13 -9.16
CA LEU A 169 6.50 35.68 -8.53
C LEU A 169 5.32 35.63 -9.47
N ASP A 170 5.14 36.62 -10.34
CA ASP A 170 3.92 36.73 -11.12
C ASP A 170 4.02 36.24 -12.55
N ALA A 171 5.17 35.73 -12.98
CA ALA A 171 5.30 35.26 -14.36
C ALA A 171 4.53 33.94 -14.54
N TRP A 172 3.68 33.88 -15.55
CA TRP A 172 2.89 32.69 -15.86
C TRP A 172 1.88 32.28 -14.81
N VAL A 173 1.89 32.89 -13.64
CA VAL A 173 1.16 32.33 -12.52
C VAL A 173 -0.29 32.74 -12.58
N GLY A 174 -1.19 31.80 -12.25
CA GLY A 174 -2.60 32.10 -12.15
C GLY A 174 -2.98 32.64 -10.79
N PRO A 175 -4.25 33.03 -10.65
CA PRO A 175 -4.66 33.81 -9.47
C PRO A 175 -4.59 33.08 -8.14
N ALA A 176 -4.67 31.75 -8.12
CA ALA A 176 -4.66 31.02 -6.86
C ALA A 176 -3.38 31.26 -6.06
N PHE A 177 -2.29 31.58 -6.75
CA PHE A 177 -1.00 31.81 -6.11
C PHE A 177 -0.60 33.28 -6.13
N ARG A 178 -1.59 34.16 -6.08
CA ARG A 178 -1.45 35.56 -5.76
C ARG A 178 -2.27 35.80 -4.51
N GLY A 179 -1.81 35.24 -3.39
CA GLY A 179 -2.61 35.12 -2.18
C GLY A 179 -2.32 36.09 -1.06
N VAL A 180 -1.55 37.14 -1.31
CA VAL A 180 -1.19 38.09 -0.27
C VAL A 180 -2.06 39.32 -0.42
N THR A 181 -2.96 39.53 0.55
CA THR A 181 -3.81 40.71 0.55
C THR A 181 -3.03 41.96 0.93
N ALA A 182 -2.25 41.88 2.01
CA ALA A 182 -1.50 43.02 2.53
C ALA A 182 -0.27 42.52 3.26
N ALA A 183 0.76 43.36 3.32
CA ALA A 183 1.96 42.97 4.06
C ALA A 183 2.64 44.21 4.59
N TRP A 184 3.36 44.03 5.70
CA TRP A 184 4.12 45.10 6.32
C TRP A 184 5.39 44.52 6.90
N ARG A 185 6.33 45.39 7.25
CA ARG A 185 7.52 44.90 7.93
C ARG A 185 7.78 45.73 9.17
N VAL A 186 8.14 45.03 10.25
CA VAL A 186 8.50 45.63 11.54
C VAL A 186 9.81 44.97 11.93
N GLY A 187 10.88 45.74 11.98
CA GLY A 187 12.19 45.18 12.23
C GLY A 187 12.50 44.00 11.33
N ARG A 188 12.79 42.85 11.96
CA ARG A 188 13.11 41.64 11.23
C ARG A 188 11.88 40.87 10.76
N SER A 189 10.69 41.28 11.18
CA SER A 189 9.47 40.54 10.87
C SER A 189 8.76 41.11 9.64
N ILE A 190 8.18 40.23 8.85
CA ILE A 190 7.22 40.61 7.82
C ILE A 190 5.86 40.09 8.29
N TYR A 191 4.87 40.96 8.37
CA TYR A 191 3.53 40.49 8.66
C TYR A 191 2.67 40.60 7.42
N ALA A 192 1.71 39.70 7.28
CA ALA A 192 0.93 39.70 6.06
C ALA A 192 -0.47 39.17 6.31
N ASP A 193 -1.38 39.64 5.46
CA ASP A 193 -2.72 39.09 5.36
C ASP A 193 -2.71 38.14 4.17
N LEU A 194 -3.00 36.87 4.42
CA LEU A 194 -3.03 35.82 3.41
C LEU A 194 -4.47 35.39 3.17
N ALA A 195 -4.88 35.34 1.90
CA ALA A 195 -6.22 34.88 1.59
C ALA A 195 -6.25 34.17 0.24
N LEU A 196 -7.13 33.14 0.15
CA LEU A 196 -7.21 32.51 -1.16
C LEU A 196 -8.35 33.12 -1.98
N PRO A 197 -8.24 33.07 -3.31
CA PRO A 197 -9.37 33.46 -4.15
C PRO A 197 -10.64 32.70 -3.79
N GLU A 198 -11.76 33.31 -4.10
CA GLU A 198 -13.06 32.75 -3.74
C GLU A 198 -13.28 31.35 -4.30
N GLY A 199 -12.73 31.05 -5.48
CA GLY A 199 -12.94 29.74 -6.05
C GLY A 199 -12.17 28.63 -5.32
N VAL A 200 -10.91 28.88 -4.97
CA VAL A 200 -10.13 27.83 -4.36
C VAL A 200 -10.47 27.69 -2.89
N SER A 201 -10.94 28.77 -2.27
CA SER A 201 -11.33 28.78 -0.86
C SER A 201 -12.30 27.66 -0.53
N GLU A 202 -13.04 27.16 -1.53
CA GLU A 202 -14.04 26.14 -1.30
C GLU A 202 -13.44 24.95 -0.56
N ARG A 203 -12.47 24.31 -1.19
CA ARG A 203 -11.85 23.10 -0.67
C ARG A 203 -10.73 23.39 0.32
N ALA A 204 -10.59 24.63 0.77
CA ALA A 204 -9.57 24.91 1.77
C ALA A 204 -9.83 24.14 3.07
N GLN A 205 -11.10 23.88 3.35
CA GLN A 205 -11.46 23.08 4.52
C GLN A 205 -10.94 21.65 4.39
N ASP A 206 -10.75 21.15 3.17
CA ASP A 206 -10.36 19.77 2.93
C ASP A 206 -8.88 19.50 3.19
N PHE A 207 -8.02 20.51 3.14
CA PHE A 207 -6.61 20.35 3.43
C PHE A 207 -6.32 20.70 4.88
N GLY A 208 -5.30 20.06 5.44
CA GLY A 208 -4.81 20.50 6.74
C GLY A 208 -4.35 21.93 6.67
N LEU A 209 -3.44 22.22 5.73
CA LEU A 209 -3.11 23.59 5.40
C LEU A 209 -3.03 23.71 3.89
N HIS A 210 -3.88 24.54 3.31
CA HIS A 210 -3.94 24.64 1.87
C HIS A 210 -2.59 25.04 1.30
N PRO A 211 -2.01 24.25 0.40
CA PRO A 211 -0.67 24.57 -0.10
C PRO A 211 -0.59 25.97 -0.69
N ALA A 212 -1.63 26.42 -1.40
CA ALA A 212 -1.61 27.78 -1.91
C ALA A 212 -1.57 28.77 -0.76
N LEU A 213 -2.29 28.49 0.31
CA LEU A 213 -2.26 29.37 1.46
C LEU A 213 -0.86 29.44 2.07
N LEU A 214 -0.17 28.31 2.17
CA LEU A 214 1.14 28.39 2.78
C LEU A 214 2.15 28.99 1.83
N ASP A 215 2.00 28.74 0.53
CA ASP A 215 2.84 29.43 -0.45
C ASP A 215 2.70 30.94 -0.33
N ALA A 216 1.49 31.43 -0.07
CA ALA A 216 1.28 32.87 0.04
C ALA A 216 2.19 33.50 1.09
N ALA A 217 2.47 32.78 2.18
CA ALA A 217 3.41 33.30 3.17
C ALA A 217 4.80 33.47 2.57
N LEU A 218 5.18 32.57 1.67
CA LEU A 218 6.46 32.74 0.97
C LEU A 218 6.40 33.90 -0.02
N GLN A 219 5.28 34.08 -0.71
CA GLN A 219 5.17 35.24 -1.60
C GLN A 219 5.34 36.53 -0.80
N ALA A 220 4.77 36.56 0.40
CA ALA A 220 4.93 37.73 1.25
C ALA A 220 6.40 38.02 1.51
N LEU A 221 7.19 37.00 1.81
CA LEU A 221 8.58 37.28 2.14
C LEU A 221 9.34 37.63 0.86
N LEU A 222 9.07 36.93 -0.24
CA LEU A 222 9.76 37.22 -1.50
C LEU A 222 9.44 38.61 -2.02
N ARG A 223 8.24 39.14 -1.77
CA ARG A 223 7.98 40.47 -2.28
C ARG A 223 8.58 41.54 -1.40
N ALA A 224 9.02 41.14 -0.21
CA ALA A 224 9.73 42.02 0.71
C ALA A 224 11.21 42.05 0.38
N GLU A 225 11.77 40.89 0.01
CA GLU A 225 13.19 40.76 -0.23
C GLU A 225 13.52 40.94 -1.69
N LEU A 226 12.55 41.38 -2.49
CA LEU A 226 12.79 41.89 -3.83
C LEU A 226 12.17 43.27 -3.97
N GLY A 227 12.41 44.13 -2.97
CA GLY A 227 11.91 45.49 -2.99
C GLY A 227 12.96 46.56 -2.70
N GLU A 234 19.75 39.34 -11.87
CA GLU A 234 20.18 39.06 -10.51
C GLU A 234 19.84 37.64 -10.14
N GLY A 235 19.35 37.45 -8.92
CA GLY A 235 19.03 36.11 -8.45
C GLY A 235 17.69 36.09 -7.71
N ILE A 236 17.07 34.92 -7.73
CA ILE A 236 15.79 34.66 -7.06
C ILE A 236 16.05 33.70 -5.94
N PRO A 237 15.60 34.00 -4.69
CA PRO A 237 15.67 32.99 -3.62
C PRO A 237 14.66 31.87 -3.90
N MET A 238 15.15 30.63 -3.88
CA MET A 238 14.35 29.50 -4.28
C MET A 238 14.20 28.54 -3.11
N PRO A 239 12.97 28.30 -2.64
CA PRO A 239 12.78 27.46 -1.45
C PRO A 239 12.93 25.98 -1.77
N PHE A 240 13.54 25.25 -0.84
CA PHE A 240 13.84 23.85 -1.07
C PHE A 240 13.79 22.99 0.19
N ALA A 241 13.71 23.60 1.37
CA ALA A 241 13.84 22.80 2.59
C ALA A 241 13.01 23.40 3.72
N TRP A 242 12.58 22.53 4.64
CA TRP A 242 11.70 22.92 5.74
C TRP A 242 12.06 22.17 7.01
N SER A 243 11.83 22.84 8.13
CA SER A 243 12.12 22.29 9.45
C SER A 243 11.01 22.65 10.43
N ASP A 244 10.78 21.75 11.38
CA ASP A 244 9.88 21.94 12.52
C ASP A 244 8.57 22.59 12.09
N VAL A 245 7.85 21.85 11.25
CA VAL A 245 6.57 22.30 10.70
C VAL A 245 5.46 21.57 11.43
N ALA A 246 4.54 22.33 12.02
CA ALA A 246 3.45 21.70 12.77
C ALA A 246 2.14 22.43 12.52
N LEU A 247 1.06 21.66 12.59
CA LEU A 247 -0.27 22.17 12.32
C LEU A 247 -1.06 22.15 13.62
N GLU A 248 -1.65 23.29 13.95
CA GLU A 248 -2.45 23.43 15.16
C GLU A 248 -3.94 23.43 14.86
N ALA A 249 -4.34 24.03 13.75
CA ALA A 249 -5.73 24.11 13.36
C ALA A 249 -5.82 23.82 11.88
N ARG A 250 -6.73 22.95 11.50
CA ARG A 250 -6.83 22.49 10.12
C ARG A 250 -7.96 23.22 9.40
N GLY A 251 -7.81 23.32 8.08
CA GLY A 251 -8.86 23.83 7.22
C GLY A 251 -8.92 25.34 7.10
N ALA A 252 -7.93 26.06 7.62
CA ALA A 252 -7.94 27.52 7.56
C ALA A 252 -7.99 28.00 6.11
N ALA A 253 -8.76 29.06 5.87
CA ALA A 253 -8.93 29.62 4.53
C ALA A 253 -8.27 30.98 4.35
N ALA A 254 -8.12 31.74 5.42
CA ALA A 254 -7.40 33.00 5.36
C ALA A 254 -6.80 33.23 6.73
N LEU A 255 -5.55 33.67 6.78
CA LEU A 255 -4.87 33.78 8.05
C LEU A 255 -3.94 34.99 8.05
N ARG A 256 -3.55 35.40 9.26
CA ARG A 256 -2.47 36.35 9.42
C ARG A 256 -1.16 35.60 9.61
N ALA A 257 -0.09 36.15 9.07
CA ALA A 257 1.20 35.50 9.04
C ALA A 257 2.27 36.41 9.61
N ARG A 258 3.20 35.80 10.35
CA ARG A 258 4.44 36.46 10.75
C ARG A 258 5.59 35.68 10.16
N VAL A 259 6.38 36.35 9.33
CA VAL A 259 7.56 35.76 8.71
C VAL A 259 8.77 36.52 9.22
N GLU A 260 9.61 35.84 9.99
CA GLU A 260 10.77 36.49 10.61
C GLU A 260 12.01 35.94 9.92
N VAL A 261 12.78 36.82 9.32
CA VAL A 261 13.94 36.41 8.56
C VAL A 261 15.10 36.27 9.54
N GLU A 262 15.96 35.29 9.27
CA GLU A 262 17.09 35.12 10.15
C GLU A 262 18.26 35.95 9.62
N ASP A 263 19.04 36.47 10.58
CA ASP A 263 20.03 37.52 10.33
C ASP A 263 21.25 36.95 9.64
N ALA A 264 21.50 35.65 9.81
CA ALA A 264 22.75 34.99 9.45
C ALA A 264 23.07 35.27 7.99
N SER A 265 23.62 36.47 7.75
CA SER A 265 24.00 37.01 6.45
C SER A 265 23.15 36.45 5.31
N ASP A 266 21.88 36.84 5.25
CA ASP A 266 21.04 36.49 4.12
C ASP A 266 21.68 37.03 2.84
N GLY A 267 22.19 36.13 2.00
CA GLY A 267 22.90 36.51 0.79
C GLY A 267 23.22 35.33 -0.10
N ASP A 268 23.81 34.28 0.49
CA ASP A 268 23.94 33.00 -0.20
C ASP A 268 22.66 32.17 -0.05
N GLN A 269 22.10 32.17 1.15
CA GLN A 269 20.96 31.32 1.46
C GLN A 269 20.06 32.07 2.43
N LEU A 270 18.76 32.11 2.12
CA LEU A 270 17.76 32.79 2.93
C LEU A 270 17.11 31.78 3.86
N ALA A 271 17.00 32.14 5.14
CA ALA A 271 16.30 31.31 6.11
C ALA A 271 15.31 32.17 6.89
N ALA A 272 14.10 31.64 7.08
CA ALA A 272 13.12 32.39 7.85
C ALA A 272 12.23 31.44 8.62
N SER A 273 11.53 32.00 9.59
CA SER A 273 10.51 31.32 10.37
C SER A 273 9.14 31.80 9.90
N ILE A 274 8.16 30.90 9.91
CA ILE A 274 6.79 31.26 9.57
C ILE A 274 5.85 30.83 10.69
N GLU A 275 5.05 31.76 11.17
CA GLU A 275 3.90 31.40 11.98
C GLU A 275 2.65 32.02 11.42
N LEU A 276 1.56 31.28 11.62
CA LEU A 276 0.28 31.55 11.01
C LEU A 276 -0.82 31.49 12.07
N ALA A 277 -1.76 32.42 11.93
CA ALA A 277 -2.83 32.57 12.89
C ALA A 277 -4.06 33.02 12.12
N ASP A 278 -5.23 32.67 12.64
CA ASP A 278 -6.45 33.06 11.97
C ASP A 278 -6.76 34.53 12.29
N ALA A 279 -7.84 35.03 11.69
CA ALA A 279 -8.20 36.43 11.88
C ALA A 279 -8.54 36.74 13.32
N GLN A 280 -8.88 35.73 14.13
CA GLN A 280 -9.17 35.93 15.53
C GLN A 280 -7.93 35.85 16.42
N GLY A 281 -6.75 35.66 15.84
CA GLY A 281 -5.50 35.70 16.58
C GLY A 281 -5.02 34.39 17.14
N GLN A 282 -5.68 33.27 16.85
CA GLN A 282 -5.30 31.98 17.41
C GLN A 282 -4.37 31.21 16.47
N PRO A 283 -3.50 30.36 17.02
CA PRO A 283 -2.48 29.70 16.20
C PRO A 283 -3.09 28.70 15.23
N VAL A 284 -2.53 28.66 14.02
CA VAL A 284 -2.92 27.69 13.02
C VAL A 284 -1.77 26.75 12.67
N ALA A 285 -0.61 27.31 12.38
CA ALA A 285 0.50 26.49 11.92
C ALA A 285 1.81 27.20 12.23
N ARG A 286 2.90 26.44 12.24
CA ARG A 286 4.21 27.07 12.36
C ARG A 286 5.21 26.21 11.62
N ALA A 287 6.16 26.89 10.98
CA ALA A 287 7.32 26.27 10.33
C ALA A 287 8.55 26.89 10.97
N GLY A 288 9.25 26.10 11.80
CA GLY A 288 10.38 26.62 12.56
C GLY A 288 11.38 27.37 11.69
N THR A 289 11.83 26.74 10.61
CA THR A 289 12.60 27.44 9.59
C THR A 289 12.24 26.86 8.23
N PHE A 290 12.36 27.70 7.22
CA PHE A 290 12.35 27.24 5.85
C PHE A 290 13.58 27.82 5.16
N ARG A 291 14.19 27.04 4.27
CA ARG A 291 15.42 27.43 3.59
C ARG A 291 15.18 27.75 2.12
N ALA A 292 15.81 28.81 1.63
CA ALA A 292 15.82 29.14 0.21
C ALA A 292 17.24 29.46 -0.16
N ARG A 293 17.59 29.17 -1.40
CA ARG A 293 18.92 29.48 -1.90
C ARG A 293 18.79 30.32 -3.16
N TRP A 294 19.61 31.37 -3.24
CA TRP A 294 19.54 32.27 -4.37
C TRP A 294 20.08 31.60 -5.62
N ALA A 295 19.40 31.80 -6.74
CA ALA A 295 19.90 31.30 -8.01
C ALA A 295 19.16 31.97 -9.16
N THR A 296 19.83 32.04 -10.30
CA THR A 296 19.26 32.58 -11.52
C THR A 296 17.91 31.95 -11.86
N SER B 11 -7.60 3.35 -9.26
CA SER B 11 -8.42 4.23 -8.43
C SER B 11 -7.69 4.55 -7.12
N GLY B 12 -7.32 5.82 -6.94
CA GLY B 12 -6.70 6.25 -5.70
C GLY B 12 -5.27 5.81 -5.50
N GLY B 13 -4.53 5.54 -6.57
CA GLY B 13 -3.13 5.17 -6.46
C GLY B 13 -2.85 3.74 -6.07
N LEU B 14 -3.87 2.87 -6.05
CA LEU B 14 -3.72 1.48 -5.66
C LEU B 14 -4.09 0.58 -6.83
N LEU B 15 -3.37 -0.52 -6.98
CA LEU B 15 -3.72 -1.55 -7.95
C LEU B 15 -4.88 -2.37 -7.40
N ALA B 16 -5.90 -2.58 -8.22
CA ALA B 16 -7.09 -3.31 -7.80
C ALA B 16 -6.87 -4.79 -8.03
N VAL B 17 -7.07 -5.58 -6.98
CA VAL B 17 -6.89 -7.03 -7.04
C VAL B 17 -8.25 -7.69 -6.83
N LYS B 18 -8.57 -8.64 -7.72
CA LYS B 18 -9.86 -9.33 -7.69
C LYS B 18 -9.65 -10.66 -6.98
N HIS B 19 -9.82 -10.65 -5.66
CA HIS B 19 -9.64 -11.85 -4.85
C HIS B 19 -10.45 -11.74 -3.57
N PRO B 20 -11.00 -12.85 -3.06
CA PRO B 20 -11.76 -12.78 -1.81
C PRO B 20 -10.94 -12.36 -0.60
N TRP B 21 -9.65 -12.68 -0.57
CA TRP B 21 -8.83 -12.42 0.60
C TRP B 21 -7.80 -11.31 0.41
N LEU B 22 -7.62 -10.81 -0.81
CA LEU B 22 -6.73 -9.68 -1.07
C LEU B 22 -7.49 -8.62 -1.85
N SER B 23 -7.29 -7.35 -1.48
CA SER B 23 -8.03 -6.27 -2.11
C SER B 23 -7.16 -5.19 -2.72
N ALA B 24 -5.92 -5.05 -2.29
CA ALA B 24 -5.10 -3.95 -2.77
C ALA B 24 -3.67 -4.42 -2.97
N ALA B 25 -3.00 -3.79 -3.94
CA ALA B 25 -1.60 -4.06 -4.18
C ALA B 25 -0.91 -2.74 -4.50
N VAL B 26 0.30 -2.56 -3.97
CA VAL B 26 1.13 -1.41 -4.33
C VAL B 26 2.46 -1.91 -4.86
N ARG B 27 2.97 -1.20 -5.86
CA ARG B 27 4.34 -1.39 -6.27
C ARG B 27 5.14 -0.39 -5.46
N LEU B 28 6.16 -0.88 -4.79
CA LEU B 28 6.90 0.00 -3.91
C LEU B 28 7.68 1.01 -4.73
N ALA B 29 7.64 2.26 -4.27
CA ALA B 29 8.50 3.29 -4.83
C ALA B 29 9.88 3.27 -4.19
N ASP B 30 9.97 2.76 -2.96
CA ASP B 30 11.24 2.60 -2.29
C ASP B 30 12.10 1.54 -3.00
N ARG B 31 11.50 0.42 -3.37
CA ARG B 31 12.20 -0.81 -3.72
C ARG B 31 11.49 -1.46 -4.91
N ASP B 32 12.19 -2.33 -5.64
CA ASP B 32 11.49 -3.24 -6.56
C ASP B 32 10.74 -4.24 -5.71
N GLY B 33 9.44 -4.05 -5.59
CA GLY B 33 8.68 -4.96 -4.78
C GLY B 33 7.21 -4.63 -4.88
N TYR B 34 6.42 -5.53 -4.33
CA TYR B 34 4.99 -5.30 -4.24
C TYR B 34 4.57 -5.67 -2.84
N VAL B 35 3.54 -5.00 -2.36
CA VAL B 35 2.91 -5.38 -1.10
C VAL B 35 1.43 -5.58 -1.40
N LEU B 36 0.96 -6.80 -1.26
CA LEU B 36 -0.47 -7.09 -1.39
C LEU B 36 -1.05 -7.23 0.02
N SER B 37 -2.25 -6.69 0.21
CA SER B 37 -2.90 -6.70 1.51
C SER B 37 -4.36 -7.09 1.35
N GLY B 38 -4.89 -7.77 2.35
CA GLY B 38 -6.29 -8.15 2.35
C GLY B 38 -6.75 -8.54 3.74
N ARG B 39 -7.96 -9.06 3.81
CA ARG B 39 -8.53 -9.47 5.08
C ARG B 39 -9.21 -10.83 4.90
N LEU B 40 -9.04 -11.69 5.89
CA LEU B 40 -9.62 -13.03 5.94
C LEU B 40 -10.65 -13.10 7.05
N SER B 41 -11.94 -13.05 6.71
CA SER B 41 -13.01 -13.10 7.71
C SER B 41 -13.59 -14.49 7.82
N THR B 42 -13.46 -15.06 9.01
CA THR B 42 -14.16 -16.30 9.32
C THR B 42 -15.64 -16.18 9.09
N VAL B 43 -16.20 -14.98 9.26
CA VAL B 43 -17.65 -14.84 9.19
C VAL B 43 -18.16 -14.95 7.76
N GLU B 44 -17.40 -14.47 6.77
CA GLU B 44 -17.92 -14.60 5.41
C GLU B 44 -17.36 -15.82 4.67
N HIS B 45 -16.15 -16.26 5.00
CA HIS B 45 -15.66 -17.56 4.50
C HIS B 45 -15.66 -18.58 5.64
N ALA B 46 -16.89 -18.99 6.00
CA ALA B 46 -17.10 -19.93 7.09
C ALA B 46 -16.51 -21.29 6.80
N TRP B 47 -16.47 -21.70 5.52
CA TRP B 47 -15.98 -23.02 5.15
C TRP B 47 -14.57 -23.27 5.69
N VAL B 48 -13.81 -22.20 5.91
CA VAL B 48 -12.45 -22.33 6.40
C VAL B 48 -12.44 -22.93 7.79
N LEU B 49 -13.52 -22.76 8.54
CA LEU B 49 -13.56 -23.33 9.88
C LEU B 49 -13.59 -24.85 9.88
N ASP B 50 -13.93 -25.47 8.75
CA ASP B 50 -14.00 -26.93 8.69
C ASP B 50 -12.62 -27.60 8.71
N HIS B 51 -11.55 -26.87 8.38
CA HIS B 51 -10.21 -27.47 8.43
C HIS B 51 -9.72 -27.38 9.86
N VAL B 52 -10.03 -28.40 10.65
CA VAL B 52 -9.58 -28.42 12.04
C VAL B 52 -8.61 -29.58 12.23
N VAL B 53 -7.45 -29.28 12.82
CA VAL B 53 -6.38 -30.25 13.00
C VAL B 53 -6.18 -30.44 14.50
N LEU B 54 -6.52 -31.62 14.99
CA LEU B 54 -6.36 -31.94 16.40
C LEU B 54 -6.99 -30.85 17.27
N GLY B 55 -8.26 -30.56 16.98
CA GLY B 55 -9.06 -29.67 17.80
C GLY B 55 -9.03 -28.21 17.39
N THR B 56 -7.98 -27.75 16.73
CA THR B 56 -7.86 -26.35 16.34
C THR B 56 -8.01 -26.12 14.84
N VAL B 57 -8.87 -25.16 14.50
CA VAL B 57 -9.02 -24.68 13.14
C VAL B 57 -7.70 -24.02 12.73
N ILE B 58 -7.03 -24.62 11.76
CA ILE B 58 -5.81 -24.12 11.14
C ILE B 58 -6.16 -23.73 9.72
N LEU B 59 -5.71 -22.58 9.29
CA LEU B 59 -5.78 -22.30 7.86
C LEU B 59 -4.93 -23.33 7.12
N PRO B 60 -5.48 -24.08 6.18
CA PRO B 60 -4.72 -25.16 5.54
C PRO B 60 -3.62 -24.62 4.63
N GLY B 61 -2.59 -25.44 4.44
CA GLY B 61 -1.46 -25.02 3.64
C GLY B 61 -1.86 -24.63 2.23
N THR B 62 -2.85 -25.31 1.66
CA THR B 62 -3.30 -24.96 0.32
C THR B 62 -3.84 -23.54 0.23
N ALA B 63 -4.22 -22.93 1.34
CA ALA B 63 -4.67 -21.54 1.28
C ALA B 63 -3.49 -20.62 0.99
N PHE B 64 -2.33 -20.91 1.56
CA PHE B 64 -1.14 -20.13 1.25
C PHE B 64 -0.72 -20.32 -0.20
N VAL B 65 -0.88 -21.53 -0.72
CA VAL B 65 -0.66 -21.76 -2.14
C VAL B 65 -1.57 -20.86 -2.96
N GLU B 66 -2.84 -20.76 -2.58
CA GLU B 66 -3.78 -19.92 -3.32
C GLU B 66 -3.37 -18.45 -3.26
N LEU B 67 -2.98 -17.98 -2.07
CA LEU B 67 -2.53 -16.59 -1.96
C LEU B 67 -1.30 -16.34 -2.84
N ALA B 68 -0.32 -17.25 -2.78
CA ALA B 68 0.87 -17.09 -3.60
C ALA B 68 0.53 -17.06 -5.08
N LEU B 69 -0.36 -17.96 -5.52
CA LEU B 69 -0.82 -17.94 -6.91
C LEU B 69 -1.43 -16.59 -7.25
N ALA B 70 -2.16 -15.97 -6.29
CA ALA B 70 -2.74 -14.66 -6.54
C ALA B 70 -1.66 -13.60 -6.69
N ALA B 71 -0.64 -13.64 -5.81
CA ALA B 71 0.50 -12.75 -5.96
C ALA B 71 1.20 -12.97 -7.29
N ALA B 72 1.32 -14.23 -7.72
CA ALA B 72 1.93 -14.51 -9.01
C ALA B 72 1.19 -13.77 -10.12
N ASP B 73 -0.14 -13.82 -10.11
CA ASP B 73 -0.93 -13.14 -11.12
C ASP B 73 -0.72 -11.63 -11.05
N ALA B 74 -0.58 -11.09 -9.84
CA ALA B 74 -0.49 -9.64 -9.68
C ALA B 74 0.81 -9.07 -10.23
N VAL B 75 1.94 -9.75 -9.98
CA VAL B 75 3.24 -9.25 -10.39
C VAL B 75 3.66 -9.74 -11.77
N GLY B 76 2.81 -10.47 -12.48
CA GLY B 76 3.12 -10.92 -13.82
C GLY B 76 3.85 -12.24 -13.93
N LEU B 77 3.96 -12.98 -12.84
CA LEU B 77 4.71 -14.22 -12.94
C LEU B 77 3.76 -15.41 -13.12
N PRO B 78 4.10 -16.36 -14.00
CA PRO B 78 3.16 -17.44 -14.36
C PRO B 78 3.05 -18.59 -13.38
N SER B 79 3.61 -18.53 -12.18
CA SER B 79 3.62 -19.70 -11.28
C SER B 79 4.34 -19.38 -9.98
N VAL B 80 4.08 -20.24 -8.99
CA VAL B 80 4.84 -20.25 -7.74
C VAL B 80 5.89 -21.34 -7.94
N SER B 81 7.15 -20.92 -7.95
CA SER B 81 8.25 -21.85 -8.18
C SER B 81 8.56 -22.65 -6.92
N GLU B 82 8.52 -22.00 -5.77
CA GLU B 82 8.88 -22.63 -4.51
C GLU B 82 8.02 -22.01 -3.42
N LEU B 83 7.68 -22.82 -2.41
CA LEU B 83 6.86 -22.36 -1.29
C LEU B 83 7.04 -23.31 -0.13
N THR B 84 7.39 -22.76 1.03
CA THR B 84 7.54 -23.53 2.25
C THR B 84 6.62 -22.93 3.31
N ILE B 85 5.99 -23.80 4.09
CA ILE B 85 5.10 -23.37 5.18
C ILE B 85 5.96 -23.24 6.42
N GLU B 86 6.02 -22.04 6.99
CA GLU B 86 6.88 -21.79 8.14
C GLU B 86 6.17 -21.73 9.49
N ALA B 87 4.86 -21.50 9.50
CA ALA B 87 4.17 -21.36 10.77
C ALA B 87 2.68 -21.51 10.55
N PRO B 88 2.00 -22.37 11.31
CA PRO B 88 0.55 -22.51 11.15
C PRO B 88 -0.16 -21.25 11.61
N LEU B 89 -1.28 -20.95 10.97
CA LEU B 89 -2.08 -19.80 11.32
C LEU B 89 -3.40 -20.28 11.94
N ALA B 90 -3.56 -19.98 13.24
CA ALA B 90 -4.74 -20.39 13.98
C ALA B 90 -5.87 -19.39 13.79
N LEU B 91 -7.08 -19.89 13.71
CA LEU B 91 -8.16 -18.98 13.36
C LEU B 91 -9.14 -18.77 14.50
N PRO B 92 -9.72 -17.58 14.58
CA PRO B 92 -10.77 -17.32 15.57
C PRO B 92 -12.10 -17.85 15.08
N ALA B 93 -12.91 -18.33 16.03
CA ALA B 93 -14.16 -19.01 15.70
C ALA B 93 -15.10 -18.14 14.87
N ARG B 94 -15.12 -16.83 15.10
CA ARG B 94 -15.84 -15.91 14.20
C ARG B 94 -15.23 -14.52 14.37
N GLY B 95 -14.23 -14.25 13.54
CA GLY B 95 -13.48 -13.01 13.54
C GLY B 95 -12.68 -12.94 12.26
N ALA B 96 -11.74 -12.01 12.21
CA ALA B 96 -10.95 -11.90 10.99
C ALA B 96 -9.49 -11.64 11.31
N VAL B 97 -8.66 -12.01 10.35
CA VAL B 97 -7.24 -11.78 10.40
C VAL B 97 -6.87 -10.97 9.16
N THR B 98 -5.89 -10.10 9.33
CA THR B 98 -5.37 -9.30 8.23
C THR B 98 -4.21 -10.02 7.56
N LEU B 99 -4.19 -10.02 6.24
CA LEU B 99 -3.12 -10.69 5.51
C LEU B 99 -2.29 -9.67 4.76
N GLN B 100 -1.05 -10.04 4.49
CA GLN B 100 -0.20 -9.22 3.64
C GLN B 100 0.80 -10.12 2.94
N VAL B 101 0.96 -9.91 1.64
CA VAL B 101 1.94 -10.63 0.84
C VAL B 101 2.99 -9.63 0.37
N THR B 102 4.23 -9.87 0.78
CA THR B 102 5.36 -9.05 0.35
C THR B 102 6.15 -9.81 -0.70
N VAL B 103 6.27 -9.25 -1.91
CA VAL B 103 7.05 -9.84 -2.98
C VAL B 103 8.24 -8.93 -3.29
N GLU B 104 9.38 -9.54 -3.60
CA GLU B 104 10.61 -8.79 -3.77
C GLU B 104 11.00 -8.71 -5.24
N ALA B 105 12.27 -8.38 -5.50
CA ALA B 105 12.69 -7.99 -6.85
C ALA B 105 12.87 -9.21 -7.77
N LEU B 106 12.79 -8.92 -9.08
CA LEU B 106 13.05 -9.87 -10.15
C LEU B 106 14.54 -10.02 -10.41
N ASP B 107 14.99 -11.26 -10.67
CA ASP B 107 16.38 -11.50 -11.06
C ASP B 107 16.51 -11.54 -12.58
N ALA B 108 17.71 -11.91 -13.04
CA ALA B 108 17.88 -12.30 -14.44
C ALA B 108 17.26 -13.67 -14.70
N THR B 109 17.29 -14.56 -13.70
CA THR B 109 16.64 -15.86 -13.80
C THR B 109 15.13 -15.75 -14.01
N GLY B 110 14.51 -14.68 -13.54
CA GLY B 110 13.08 -14.52 -13.70
C GLY B 110 12.25 -14.99 -12.52
N ARG B 111 12.67 -14.63 -11.31
CA ARG B 111 12.02 -15.06 -10.09
C ARG B 111 11.92 -13.89 -9.13
N ARG B 112 10.91 -13.91 -8.26
CA ARG B 112 10.80 -12.98 -7.15
C ARG B 112 10.47 -13.76 -5.89
N GLY B 113 11.12 -13.40 -4.79
CA GLY B 113 10.75 -13.96 -3.51
C GLY B 113 9.46 -13.36 -3.00
N PHE B 114 8.85 -14.03 -2.01
CA PHE B 114 7.61 -13.59 -1.42
C PHE B 114 7.43 -14.17 -0.02
N ALA B 115 6.61 -13.49 0.78
CA ALA B 115 6.27 -13.94 2.12
C ALA B 115 4.83 -13.55 2.42
N VAL B 116 4.18 -14.39 3.25
CA VAL B 116 2.78 -14.23 3.64
C VAL B 116 2.73 -14.02 5.15
N HIS B 117 2.08 -12.93 5.56
CA HIS B 117 1.97 -12.61 6.97
C HIS B 117 0.51 -12.40 7.36
N SER B 118 0.24 -12.55 8.67
CA SER B 118 -1.10 -12.32 9.21
C SER B 118 -0.96 -11.60 10.55
N ARG B 119 -2.02 -10.88 10.94
CA ARG B 119 -2.10 -10.05 12.11
C ARG B 119 -3.55 -10.14 12.55
N PRO B 120 -3.83 -10.33 13.84
CA PRO B 120 -5.22 -10.21 14.30
C PRO B 120 -5.73 -8.80 14.05
N ASP B 121 -6.88 -8.70 13.38
CA ASP B 121 -7.43 -7.44 12.92
C ASP B 121 -8.10 -6.68 14.05
N GLY B 122 -8.17 -5.35 13.90
CA GLY B 122 -8.73 -4.48 14.91
C GLY B 122 -7.83 -4.14 16.06
N ALA B 123 -6.69 -4.81 16.20
CA ALA B 123 -5.81 -4.58 17.34
C ALA B 123 -4.81 -3.47 17.02
N HIS B 124 -3.93 -3.71 16.04
CA HIS B 124 -2.91 -2.77 15.56
C HIS B 124 -1.78 -2.75 16.58
N ASP B 125 -2.08 -3.15 17.83
CA ASP B 125 -1.02 -3.50 18.78
C ASP B 125 -0.39 -4.83 18.42
N ALA B 126 -1.15 -5.75 17.84
CA ALA B 126 -0.71 -7.12 17.65
C ALA B 126 0.44 -7.23 16.66
N PRO B 127 1.34 -8.19 16.84
CA PRO B 127 2.46 -8.37 15.93
C PRO B 127 2.09 -9.23 14.74
N TRP B 128 2.83 -9.04 13.66
CA TRP B 128 2.63 -9.86 12.48
C TRP B 128 3.30 -11.21 12.65
N THR B 129 2.81 -12.19 11.91
CA THR B 129 3.36 -13.53 11.93
C THR B 129 3.63 -13.97 10.50
N ALA B 130 4.85 -14.41 10.22
CA ALA B 130 5.17 -14.95 8.91
C ALA B 130 4.79 -16.42 8.86
N HIS B 131 4.00 -16.79 7.86
CA HIS B 131 3.49 -18.14 7.75
C HIS B 131 4.03 -18.90 6.56
N ALA B 132 4.31 -18.22 5.45
CA ALA B 132 4.80 -18.89 4.25
C ALA B 132 5.83 -18.02 3.56
N ARG B 133 6.87 -18.66 3.00
CA ARG B 133 7.83 -17.99 2.15
C ARG B 133 8.14 -18.84 0.94
N GLY B 134 8.57 -18.19 -0.13
CA GLY B 134 8.92 -18.90 -1.35
C GLY B 134 9.38 -17.95 -2.44
N VAL B 135 9.33 -18.46 -3.68
CA VAL B 135 9.73 -17.70 -4.86
C VAL B 135 8.68 -17.90 -5.94
N LEU B 136 8.18 -16.80 -6.50
CA LEU B 136 7.46 -16.83 -7.77
C LEU B 136 8.47 -16.87 -8.91
N GLY B 137 8.06 -17.43 -10.04
CA GLY B 137 8.99 -17.43 -11.14
C GLY B 137 8.40 -17.98 -12.42
N ALA B 138 9.27 -18.09 -13.42
CA ALA B 138 8.90 -18.61 -14.73
C ALA B 138 8.65 -20.12 -14.65
N ALA B 139 7.60 -20.58 -15.31
CA ALA B 139 7.23 -21.98 -15.23
C ALA B 139 7.11 -22.60 -16.61
N PRO B 140 7.26 -23.93 -16.68
CA PRO B 140 6.92 -24.63 -17.92
C PRO B 140 5.43 -24.63 -18.18
N ALA B 141 4.62 -24.64 -17.11
CA ALA B 141 3.17 -24.68 -17.23
C ALA B 141 2.71 -25.85 -18.10
N ALA B 142 3.46 -26.96 -18.05
CA ALA B 142 3.21 -28.10 -18.91
C ALA B 142 1.78 -28.59 -18.70
N ALA B 143 0.89 -28.21 -19.60
CA ALA B 143 -0.52 -28.59 -19.53
C ALA B 143 -0.67 -29.92 -20.25
N THR B 144 -0.26 -30.98 -19.57
CA THR B 144 -0.41 -32.33 -20.09
C THR B 144 -1.32 -33.05 -19.11
N THR B 145 -2.57 -33.27 -19.51
CA THR B 145 -3.47 -34.14 -18.77
C THR B 145 -3.99 -35.21 -19.71
N ALA B 146 -3.06 -36.01 -20.24
CA ALA B 146 -3.46 -37.12 -21.10
C ALA B 146 -4.42 -38.04 -20.37
N TRP B 147 -4.12 -38.32 -19.10
CA TRP B 147 -4.89 -39.28 -18.31
C TRP B 147 -6.34 -38.86 -18.14
N ALA B 148 -6.59 -37.55 -18.02
CA ALA B 148 -7.92 -37.05 -17.73
C ALA B 148 -8.83 -37.06 -18.95
N ALA B 149 -8.26 -37.01 -20.15
CA ALA B 149 -9.07 -37.05 -21.37
C ALA B 149 -9.51 -38.45 -21.76
N GLY B 150 -8.85 -39.49 -21.27
CA GLY B 150 -9.17 -40.86 -21.63
C GLY B 150 -10.32 -41.43 -20.82
N ALA B 151 -10.36 -42.76 -20.78
CA ALA B 151 -11.38 -43.46 -20.01
C ALA B 151 -11.27 -43.06 -18.54
N TRP B 152 -12.41 -42.79 -17.92
CA TRP B 152 -12.43 -42.37 -16.53
C TRP B 152 -13.30 -43.27 -15.69
N PRO B 153 -12.76 -43.98 -14.69
CA PRO B 153 -11.33 -43.98 -14.38
C PRO B 153 -10.54 -44.77 -15.43
N PRO B 154 -9.21 -44.67 -15.45
CA PRO B 154 -8.43 -45.40 -16.45
C PRO B 154 -8.71 -46.90 -16.36
N ALA B 155 -8.48 -47.60 -17.46
CA ALA B 155 -8.68 -49.05 -17.46
C ALA B 155 -7.76 -49.69 -16.44
N GLY B 156 -8.27 -50.70 -15.74
CA GLY B 156 -7.46 -51.33 -14.73
C GLY B 156 -7.27 -50.54 -13.45
N ALA B 157 -7.92 -49.37 -13.32
CA ALA B 157 -7.81 -48.61 -12.09
C ALA B 157 -8.47 -49.40 -10.96
N GLU B 158 -7.72 -49.55 -9.87
CA GLU B 158 -8.03 -50.50 -8.82
C GLU B 158 -8.55 -49.64 -7.67
N PRO B 159 -9.83 -49.72 -7.31
CA PRO B 159 -10.45 -48.66 -6.50
C PRO B 159 -9.90 -48.54 -5.08
N VAL B 160 -10.03 -47.33 -4.55
CA VAL B 160 -9.60 -46.95 -3.21
C VAL B 160 -10.84 -46.55 -2.42
N ASP B 161 -10.88 -46.96 -1.15
CA ASP B 161 -12.06 -46.82 -0.30
C ASP B 161 -12.06 -45.47 0.43
N VAL B 162 -12.95 -44.56 -0.01
CA VAL B 162 -13.06 -43.24 0.60
C VAL B 162 -13.95 -43.26 1.84
N THR B 163 -15.01 -44.07 1.82
CA THR B 163 -16.10 -43.99 2.79
C THR B 163 -15.69 -44.30 4.23
N ARG B 164 -14.48 -44.79 4.49
CA ARG B 164 -14.23 -45.18 5.86
C ARG B 164 -13.72 -44.00 6.68
N TRP B 165 -13.79 -44.17 8.00
CA TRP B 165 -13.36 -43.17 8.94
C TRP B 165 -12.00 -43.54 9.47
N VAL B 166 -11.01 -42.73 9.13
CA VAL B 166 -9.64 -42.86 9.62
C VAL B 166 -9.32 -41.67 10.53
N GLU B 167 -8.97 -41.97 11.78
CA GLU B 167 -8.81 -40.91 12.76
C GLU B 167 -7.79 -39.88 12.31
N ALA B 168 -6.78 -40.26 11.54
CA ALA B 168 -5.70 -39.34 11.24
C ALA B 168 -6.20 -38.09 10.50
N LEU B 169 -7.20 -38.23 9.63
CA LEU B 169 -7.59 -37.13 8.76
C LEU B 169 -8.93 -36.48 9.05
N ASP B 170 -10.02 -37.24 9.21
CA ASP B 170 -11.34 -36.63 9.31
C ASP B 170 -11.87 -36.61 10.74
N ALA B 171 -11.00 -36.84 11.73
CA ALA B 171 -11.38 -36.91 13.15
C ALA B 171 -11.87 -35.60 13.73
N TRP B 172 -11.96 -34.52 12.96
CA TRP B 172 -12.44 -33.27 13.54
C TRP B 172 -13.05 -32.39 12.46
N VAL B 173 -12.89 -32.80 11.21
CA VAL B 173 -13.11 -31.91 10.07
C VAL B 173 -14.59 -31.78 9.74
N GLY B 174 -14.95 -30.61 9.22
CA GLY B 174 -16.27 -30.41 8.67
C GLY B 174 -16.33 -30.86 7.24
N PRO B 175 -17.52 -30.75 6.65
CA PRO B 175 -17.72 -31.32 5.30
C PRO B 175 -16.87 -30.66 4.23
N ALA B 176 -16.47 -29.40 4.44
CA ALA B 176 -15.67 -28.72 3.42
C ALA B 176 -14.38 -29.45 3.11
N PHE B 177 -13.83 -30.20 4.07
CA PHE B 177 -12.59 -30.93 3.85
C PHE B 177 -12.80 -32.44 3.84
N ARG B 178 -13.96 -32.89 3.38
CA ARG B 178 -14.19 -34.25 2.91
C ARG B 178 -14.64 -34.15 1.45
N GLY B 179 -13.70 -33.75 0.58
CA GLY B 179 -14.03 -33.34 -0.77
C GLY B 179 -13.71 -34.32 -1.89
N VAL B 180 -13.34 -35.55 -1.58
CA VAL B 180 -13.03 -36.53 -2.62
C VAL B 180 -14.20 -37.51 -2.71
N THR B 181 -14.92 -37.47 -3.84
CA THR B 181 -16.08 -38.34 -4.07
C THR B 181 -15.66 -39.77 -4.41
N ALA B 182 -14.69 -39.93 -5.31
CA ALA B 182 -14.28 -41.25 -5.74
C ALA B 182 -12.79 -41.25 -5.98
N ALA B 183 -12.16 -42.40 -5.75
CA ALA B 183 -10.72 -42.52 -5.93
C ALA B 183 -10.38 -43.93 -6.34
N TRP B 184 -9.28 -44.05 -7.10
CA TRP B 184 -8.76 -45.32 -7.55
C TRP B 184 -7.24 -45.25 -7.52
N ARG B 185 -6.60 -46.40 -7.67
CA ARG B 185 -5.14 -46.42 -7.66
C ARG B 185 -4.61 -47.19 -8.86
N VAL B 186 -3.60 -46.62 -9.49
CA VAL B 186 -2.87 -47.27 -10.57
C VAL B 186 -1.41 -47.16 -10.17
N GLY B 187 -0.81 -48.29 -9.77
CA GLY B 187 0.58 -48.32 -9.32
C GLY B 187 0.94 -47.27 -8.28
N ARG B 188 1.88 -46.39 -8.66
CA ARG B 188 2.31 -45.29 -7.83
C ARG B 188 1.36 -44.10 -7.89
N SER B 189 0.41 -44.09 -8.81
CA SER B 189 -0.48 -42.95 -9.04
C SER B 189 -1.82 -43.20 -8.37
N ILE B 190 -2.39 -42.14 -7.79
CA ILE B 190 -3.78 -42.12 -7.33
C ILE B 190 -4.57 -41.14 -8.19
N TYR B 191 -5.69 -41.61 -8.74
CA TYR B 191 -6.61 -40.78 -9.48
C TYR B 191 -7.87 -40.59 -8.64
N ALA B 192 -8.50 -39.41 -8.77
CA ALA B 192 -9.63 -39.10 -7.92
C ALA B 192 -10.54 -38.08 -8.60
N ASP B 193 -11.82 -38.13 -8.21
CA ASP B 193 -12.81 -37.12 -8.55
C ASP B 193 -12.96 -36.19 -7.36
N LEU B 194 -12.71 -34.89 -7.55
CA LEU B 194 -12.78 -33.93 -6.47
C LEU B 194 -13.95 -32.98 -6.65
N ALA B 195 -14.75 -32.84 -5.61
CA ALA B 195 -15.83 -31.85 -5.59
C ALA B 195 -16.03 -31.43 -4.15
N LEU B 196 -16.35 -30.20 -3.96
CA LEU B 196 -16.61 -29.73 -2.60
C LEU B 196 -18.11 -29.74 -2.32
N PRO B 197 -18.51 -29.78 -1.04
CA PRO B 197 -19.94 -29.76 -0.71
C PRO B 197 -20.75 -28.69 -1.41
N GLU B 198 -22.05 -28.90 -1.51
CA GLU B 198 -22.94 -27.97 -2.20
C GLU B 198 -22.89 -26.58 -1.57
N GLY B 199 -22.54 -26.49 -0.28
CA GLY B 199 -22.41 -25.19 0.37
C GLY B 199 -21.23 -24.38 -0.10
N VAL B 200 -20.12 -25.04 -0.40
CA VAL B 200 -18.89 -24.37 -0.82
C VAL B 200 -18.87 -24.07 -2.33
N SER B 201 -19.69 -24.80 -3.12
CA SER B 201 -19.66 -24.72 -4.59
C SER B 201 -19.67 -23.31 -5.17
N GLU B 202 -20.39 -22.40 -4.55
CA GLU B 202 -20.61 -21.08 -5.14
C GLU B 202 -19.32 -20.30 -5.26
N ARG B 203 -18.57 -20.19 -4.17
CA ARG B 203 -17.40 -19.33 -4.12
C ARG B 203 -16.17 -19.97 -4.75
N ALA B 204 -16.32 -21.12 -5.41
CA ALA B 204 -15.21 -21.71 -6.12
C ALA B 204 -14.75 -20.83 -7.28
N GLN B 205 -15.69 -20.09 -7.90
CA GLN B 205 -15.34 -19.18 -8.99
C GLN B 205 -14.49 -18.02 -8.51
N ASP B 206 -14.62 -17.64 -7.24
CA ASP B 206 -13.92 -16.44 -6.77
C ASP B 206 -12.44 -16.70 -6.54
N PHE B 207 -12.05 -17.94 -6.26
CA PHE B 207 -10.64 -18.28 -6.10
C PHE B 207 -10.07 -18.82 -7.41
N GLY B 208 -8.78 -18.56 -7.61
CA GLY B 208 -8.08 -19.17 -8.73
C GLY B 208 -8.14 -20.68 -8.67
N LEU B 209 -7.73 -21.24 -7.53
CA LEU B 209 -8.02 -22.63 -7.20
C LEU B 209 -8.48 -22.66 -5.75
N HIS B 210 -9.72 -23.11 -5.56
CA HIS B 210 -10.30 -23.13 -4.22
C HIS B 210 -9.43 -23.96 -3.29
N PRO B 211 -9.03 -23.41 -2.14
CA PRO B 211 -8.14 -24.18 -1.25
C PRO B 211 -8.71 -25.52 -0.80
N ALA B 212 -10.01 -25.61 -0.53
CA ALA B 212 -10.57 -26.92 -0.20
C ALA B 212 -10.45 -27.87 -1.38
N LEU B 213 -10.65 -27.35 -2.60
CA LEU B 213 -10.56 -28.19 -3.79
C LEU B 213 -9.16 -28.78 -3.94
N LEU B 214 -8.13 -27.99 -3.67
CA LEU B 214 -6.78 -28.55 -3.81
C LEU B 214 -6.39 -29.39 -2.59
N ASP B 215 -6.83 -28.99 -1.37
CA ASP B 215 -6.65 -29.89 -0.22
C ASP B 215 -7.32 -31.23 -0.49
N ALA B 216 -8.45 -31.21 -1.20
CA ALA B 216 -9.13 -32.45 -1.56
C ALA B 216 -8.23 -33.39 -2.34
N ALA B 217 -7.33 -32.83 -3.15
CA ALA B 217 -6.36 -33.69 -3.84
C ALA B 217 -5.42 -34.35 -2.85
N LEU B 218 -5.04 -33.62 -1.79
CA LEU B 218 -4.12 -34.20 -0.81
C LEU B 218 -4.82 -35.27 0.04
N GLN B 219 -6.04 -34.98 0.50
CA GLN B 219 -6.75 -35.97 1.28
C GLN B 219 -6.98 -37.24 0.44
N ALA B 220 -7.23 -37.09 -0.85
CA ALA B 220 -7.34 -38.25 -1.74
C ALA B 220 -6.10 -39.12 -1.65
N LEU B 221 -4.90 -38.51 -1.65
CA LEU B 221 -3.70 -39.31 -1.61
C LEU B 221 -3.43 -39.89 -0.22
N LEU B 222 -3.59 -39.07 0.82
CA LEU B 222 -3.36 -39.57 2.16
C LEU B 222 -4.34 -40.68 2.48
N ARG B 223 -5.52 -40.64 1.89
CA ARG B 223 -6.49 -41.65 2.24
C ARG B 223 -6.35 -42.88 1.36
N ALA B 224 -5.40 -42.85 0.42
CA ALA B 224 -5.09 -44.02 -0.39
C ALA B 224 -4.19 -45.01 0.34
N GLU B 225 -3.12 -44.55 0.99
CA GLU B 225 -2.20 -45.50 1.63
C GLU B 225 -2.07 -45.39 3.15
N LEU B 226 -3.02 -44.78 3.83
CA LEU B 226 -3.12 -45.11 5.25
C LEU B 226 -4.55 -45.48 5.61
N GLU B 234 -0.77 -41.93 16.64
CA GLU B 234 0.47 -41.62 15.95
C GLU B 234 0.47 -40.17 15.43
N GLY B 235 0.89 -39.97 14.18
CA GLY B 235 1.10 -38.64 13.65
C GLY B 235 0.43 -38.48 12.29
N ILE B 236 0.18 -37.23 11.95
CA ILE B 236 -0.54 -36.85 10.74
C ILE B 236 0.49 -36.33 9.74
N PRO B 237 0.50 -36.83 8.50
CA PRO B 237 1.37 -36.20 7.49
C PRO B 237 0.93 -34.76 7.24
N MET B 238 1.83 -33.79 7.41
CA MET B 238 1.41 -32.40 7.21
C MET B 238 2.22 -31.76 6.10
N PRO B 239 1.56 -31.11 5.14
CA PRO B 239 2.28 -30.51 4.00
C PRO B 239 3.09 -29.32 4.47
N PHE B 240 4.29 -29.16 3.91
CA PHE B 240 5.18 -28.09 4.33
C PHE B 240 5.95 -27.44 3.19
N ALA B 241 5.90 -28.01 1.99
CA ALA B 241 6.63 -27.47 0.86
C ALA B 241 5.86 -27.79 -0.42
N TRP B 242 5.97 -26.88 -1.39
CA TRP B 242 5.33 -27.05 -2.68
C TRP B 242 6.31 -26.52 -3.72
N SER B 243 6.27 -27.09 -4.92
CA SER B 243 7.17 -26.68 -5.98
C SER B 243 6.45 -26.64 -7.30
N ASP B 244 6.86 -25.69 -8.15
CA ASP B 244 6.39 -25.58 -9.53
C ASP B 244 4.86 -25.73 -9.60
N VAL B 245 4.17 -24.81 -8.94
CA VAL B 245 2.71 -24.81 -8.88
C VAL B 245 2.22 -23.77 -9.87
N ALA B 246 1.37 -24.19 -10.81
CA ALA B 246 0.93 -23.30 -11.87
C ALA B 246 -0.56 -23.52 -12.14
N LEU B 247 -1.23 -22.47 -12.59
CA LEU B 247 -2.67 -22.49 -12.80
C LEU B 247 -2.96 -22.26 -14.27
N GLU B 248 -3.81 -23.10 -14.86
CA GLU B 248 -4.19 -22.97 -16.26
C GLU B 248 -5.59 -22.38 -16.44
N ALA B 249 -6.52 -22.70 -15.55
CA ALA B 249 -7.89 -22.21 -15.61
C ALA B 249 -8.36 -21.91 -14.19
N ARG B 250 -9.03 -20.77 -14.03
CA ARG B 250 -9.45 -20.32 -12.71
C ARG B 250 -10.93 -20.60 -12.47
N GLY B 251 -11.28 -20.69 -11.20
CA GLY B 251 -12.66 -20.82 -10.76
C GLY B 251 -13.24 -22.21 -10.78
N ALA B 252 -12.43 -23.24 -10.97
CA ALA B 252 -12.94 -24.61 -11.02
C ALA B 252 -13.63 -24.99 -9.72
N ALA B 253 -14.73 -25.75 -9.84
CA ALA B 253 -15.51 -26.23 -8.71
C ALA B 253 -15.41 -27.73 -8.47
N ALA B 254 -15.07 -28.50 -9.51
CA ALA B 254 -14.84 -29.93 -9.36
C ALA B 254 -13.79 -30.35 -10.38
N LEU B 255 -12.91 -31.25 -9.97
CA LEU B 255 -11.76 -31.60 -10.79
C LEU B 255 -11.50 -33.11 -10.75
N ARG B 256 -10.81 -33.58 -11.77
CA ARG B 256 -10.18 -34.88 -11.71
C ARG B 256 -8.71 -34.68 -11.38
N ALA B 257 -8.17 -35.59 -10.58
CA ALA B 257 -6.84 -35.41 -10.04
C ALA B 257 -6.02 -36.64 -10.35
N ARG B 258 -4.75 -36.42 -10.67
CA ARG B 258 -3.76 -37.48 -10.76
C ARG B 258 -2.66 -37.09 -9.81
N VAL B 259 -2.44 -37.90 -8.78
CA VAL B 259 -1.42 -37.63 -7.77
C VAL B 259 -0.40 -38.76 -7.83
N GLU B 260 0.82 -38.43 -8.22
CA GLU B 260 1.85 -39.44 -8.47
C GLU B 260 2.93 -39.32 -7.39
N VAL B 261 3.15 -40.43 -6.67
CA VAL B 261 4.12 -40.48 -5.59
C VAL B 261 5.47 -40.93 -6.13
N GLU B 262 6.53 -40.38 -5.57
CA GLU B 262 7.89 -40.79 -5.87
C GLU B 262 8.36 -41.77 -4.80
N ASP B 263 9.30 -42.66 -5.15
CA ASP B 263 9.59 -43.78 -4.26
C ASP B 263 10.35 -43.37 -3.01
N ALA B 264 11.27 -42.41 -3.13
CA ALA B 264 12.24 -42.13 -2.09
C ALA B 264 11.61 -41.69 -0.77
N GLN B 269 8.93 -37.33 4.55
CA GLN B 269 9.31 -38.49 3.77
C GLN B 269 8.46 -38.68 2.52
N LEU B 270 7.36 -37.96 2.45
CA LEU B 270 6.44 -38.07 1.32
C LEU B 270 6.69 -36.92 0.35
N ALA B 271 6.85 -37.26 -0.93
CA ALA B 271 6.90 -36.30 -2.01
C ALA B 271 6.00 -36.80 -3.11
N ALA B 272 5.15 -35.93 -3.65
CA ALA B 272 4.26 -36.34 -4.72
C ALA B 272 3.99 -35.15 -5.62
N SER B 273 3.50 -35.47 -6.81
CA SER B 273 3.08 -34.50 -7.81
C SER B 273 1.57 -34.52 -7.90
N ILE B 274 0.97 -33.37 -8.15
CA ILE B 274 -0.47 -33.21 -8.35
C ILE B 274 -0.70 -32.51 -9.68
N GLU B 275 -1.57 -33.08 -10.50
CA GLU B 275 -2.10 -32.34 -11.63
C GLU B 275 -3.62 -32.45 -11.64
N LEU B 276 -4.31 -31.38 -12.06
CA LEU B 276 -5.77 -31.38 -11.99
C LEU B 276 -6.35 -30.98 -13.33
N ALA B 277 -7.54 -31.51 -13.62
CA ALA B 277 -8.21 -31.24 -14.88
C ALA B 277 -9.72 -31.15 -14.63
N ASP B 278 -10.41 -30.42 -15.50
CA ASP B 278 -11.86 -30.26 -15.40
C ASP B 278 -12.57 -31.53 -15.88
N ALA B 279 -13.90 -31.51 -15.84
CA ALA B 279 -14.66 -32.73 -16.14
C ALA B 279 -14.47 -33.19 -17.58
N GLN B 280 -14.15 -32.29 -18.49
CA GLN B 280 -13.94 -32.66 -19.89
C GLN B 280 -12.50 -33.04 -20.19
N GLY B 281 -11.63 -33.05 -19.19
CA GLY B 281 -10.26 -33.49 -19.39
C GLY B 281 -9.26 -32.39 -19.70
N GLN B 282 -9.68 -31.08 -19.62
CA GLN B 282 -8.73 -30.03 -19.95
C GLN B 282 -7.96 -29.60 -18.70
N PRO B 283 -6.71 -29.17 -18.86
CA PRO B 283 -5.88 -28.86 -17.68
C PRO B 283 -6.36 -27.62 -16.96
N VAL B 284 -6.34 -27.66 -15.63
CA VAL B 284 -6.64 -26.51 -14.79
C VAL B 284 -5.44 -26.10 -13.94
N ALA B 285 -4.76 -27.07 -13.32
CA ALA B 285 -3.68 -26.75 -12.40
C ALA B 285 -2.70 -27.92 -12.32
N ARG B 286 -1.49 -27.61 -11.86
CA ARG B 286 -0.53 -28.66 -11.56
C ARG B 286 0.42 -28.17 -10.48
N ALA B 287 0.86 -29.08 -9.62
CA ALA B 287 1.89 -28.82 -8.62
C ALA B 287 3.03 -29.79 -8.89
N GLY B 288 4.16 -29.25 -9.36
CA GLY B 288 5.26 -30.12 -9.78
C GLY B 288 5.63 -31.14 -8.74
N THR B 289 5.91 -30.68 -7.53
CA THR B 289 6.05 -31.58 -6.39
C THR B 289 5.60 -30.84 -5.14
N PHE B 290 5.10 -31.60 -4.18
CA PHE B 290 4.88 -31.11 -2.83
C PHE B 290 5.45 -32.13 -1.87
N ARG B 291 6.03 -31.65 -0.78
CA ARG B 291 6.64 -32.51 0.22
C ARG B 291 5.81 -32.44 1.50
N ALA B 292 5.56 -33.59 2.11
CA ALA B 292 4.89 -33.59 3.42
C ALA B 292 5.56 -34.56 4.37
N ARG B 293 5.57 -34.19 5.65
CA ARG B 293 5.83 -35.16 6.71
C ARG B 293 4.80 -34.92 7.81
S SO4 C . 7.72 26.25 -5.07
O1 SO4 C . 7.32 27.38 -5.88
O2 SO4 C . 6.75 26.05 -3.98
O3 SO4 C . 7.79 25.05 -5.89
O4 SO4 C . 9.04 26.52 -4.49
#